data_1JZZ
#
_entry.id   1JZZ
#
_cell.length_a   170.400
_cell.length_b   410.700
_cell.length_c   694.800
_cell.angle_alpha   90.00
_cell.angle_beta   90.00
_cell.angle_gamma   90.00
#
_symmetry.space_group_name_H-M   'I 2 2 2'
#
loop_
_entity.id
_entity.type
_entity.pdbx_description
1 polymer '23S rRNA'
2 polymer 'Ribosomal Protein L4'
3 polymer 'Ribosomal Protein L22'
4 polymer 'Ribosomal Protein L32'
5 non-polymer ROXITHROMYCIN
6 non-polymer 'MAGNESIUM ION'
#
loop_
_entity_poly.entity_id
_entity_poly.type
_entity_poly.pdbx_seq_one_letter_code
_entity_poly.pdbx_strand_id
1 'polyribonucleotide'
;GGUCAAGAUAGUAAGGGUCCACGGUGGAUGCCCUGGCGCUGGAGCCGAUGAAGGACGCGAUUACCUGCGAAAAGCCCCGA
CGAGCUGGAGAUACGCUUUGACUCGGGGAUGUCCGAAUGGGGAAACCCACCUCGUAAGAGGUAUCCGCAAGGAUGGGAAC
UCAGGGAACUGAAACAUCUCAGUACCUGAAGGAGAAGAAAGAGAAUUCGAUUCCGUUAGUAGCGGCGAGCGAACCCGGAU
CAGCCCAAACCGAAACGCUUGCGUUUCGGGGUUGUAGGACCAGUUUUUAAGAUUCAACCCCUCAAGCCGAAGUGGCUGGA
AAGCUACACCUCAGAAGGUGAGAGUCCUGUAGGCGAACGAGCGGUUGACUGUACUGGCACCUGAGUAGGUCGUUGUUCGU
GAAACGAUGACUGAAUCCGCGCGGACCACCGCGCAAGGCUAAAUACUCCCAGUGACCGAUAGCGCAUAGUACCGUGAGGG
AAAGGUGAAAAGAACCCCGGGAGGGGAGUGAAAGAGAACCUGAAACCGUGGACUUACAAGCAGUCAUGGCACCUUAUGCG
UGUUAUGGCGUGCCUAUUGAAGCAUGAGCCGGCGACUUAGACCUGACGUGCGAGCUUAAGUUGAAAAACGGAGGCGGAGC
GAAAGCGAGUCCGAAUAGGGCGGCAUUAGUACGUCGGGCUAGACUCGAAACCAGGUGAGCUAAGCAUGACCAGGUUGAAA
CCCCCGUGACAGGGGGCGGAGGACCGAACCGGUGCCUGCUGAAACAGUCUCGGAUGAGUUGUGUUUAGGAGUGAAAAGCU
AACCGAACCUGGAGAUAGCUAGUUCUCCCCGAAAUGUAUUGAGGUACAGCCUCGGAUGUUGACCAUGUCCUGUAGAGCAC
UCACAAGGCUAGGGGGCCUACCAGCUUACCAAACCUUAUGAAACUCCGAAGGGGCACGCGUUUAGUCCGGGAGUGAGGCU
GCGAGAGCUAACUUCCGUAGCCGAGAGGGAAACAACCCAGACCAUCAGCUAAGGUCCCUAAAUGAUCGCUCAGUGGUUAA
GGAUGUGUCGUCGCAUAGACAGCCAGGAGGUUGGCUUAGAAGCAGCCACCCUUCAAAGAGUGCGUAAUAGCUCACUGGUC
GAGUGACGAUGCGCCGAAAAUGAUCGGGGCUCAAGUGAUCUACCGAAGCUAUGGAUUCAACUCGCGAAGCGAGUUGUCUG
GUAGGGGAGCGUUCAGUCCGCGGAGAAGCCAUACCGGAAGGAGUGGUGGAGCCGACUGAAGUGCGGAUGCCGGCAUGAGU
AACGAUAAAAGAAGUGAGAAUCUUCUUCGCCGUAAGGACAAGGGUUCCUGGGGAAGGGUCGUCCGCCCAGGGAAAGUCGG
GACCUAAGGUGAGGCCGAACGGCGCAGCCGAUGGACAGCAGGUCAAGAUUCCUGCACCGAUCAUGUGGAGUGAUGGAGGG
ACGCAUUACGCUAUCCAAUGCCAAGCUAUGGCUAUGCUGGUUGGUACGCUCAAGGGCGAUCGGGUCAGAAAAUCUACCGG
UCACAUGCCUCAGACGUAUCGGGAGCUUCCUCGGAAGCGAAGUUGGAAACGCGACGGUGCCAAGAAAAGCUUCUAAACGU
UGAAACAUGAUUGCCCGUACCGCAAACCGACACAGGUGUCCGAGUGUCAAUGCACUAAGGCGCGCGAGAGAACCCUCGUU
AAGGAACUUUGCAAUCUCACCCCGUAACUUCGGAAGAAGGGGUCCCCACGCUUCGCGUGGGGCGCAGUGAAUAGGCCCAG
GCGACUGUUUACCAAAAUCACAGCACUCUGCCAACACGAACAGUGGACGUAUAGGGUGUGACGCCUGCCCGGUGCCGGAA
GGUCAAGUGGAGCGGUGCAAGCUGCGAAAUGAAGCCCCGGUGAACGGCGGCCGUAACUAUAACGGUCCUAAGGUAGCGAA
AUUCCUUGUCGGGUAAGUUCCGACCUGCACGAAAGGCGUAACGAUCUGGGCGCUGUCUCAACGAGGGACUCGGUGAAAUU
GAAUUGGCUGUAAAGAUGCGGCCUACCCGUAGCAGGACGAAAAGACCCCGUGGAGCUUUACUAUAGUCUGGCAUUGGGAU
UCGGGUUUCUCUGCGUAGGAUAGGUGGGAGCCUGCGAAACUGGCCUUUUGGGGUCGGUGGAGGCAACGGUGAAAUACCAC
CCUGAGAAACUUGGAUUUCUAACCUGAAAAAUCACUUUCGGGGACCGUGCUUGGCGGGUAGUUUGACUGGGGCGGUCGCC
UCCCAAAAUGUAACGGAGGCGCCCAAAGGUCACCUCAAGACGGUUGGAAAUCGUCUGUAGAGCGCAAAGGUAGAAGGUGG
CUUGACUGCGAGACUGACACGUCGAGCAGGGAGGAAACUCGGGCUUAGUGAACCGGUGGUACCGUGUGGAAGGGCCAUCG
AUCAACGGAUAAAAGUUACCCCGGGGAUAACAGGCUGAUCUCCCCCGAGAGUCCAUAUCGGCGGGGAGGUUUGGCACCUC
GAUGUCGGCUCGUCGCAUCCUGGGGCUGAAGAAGGUCCCAAGGGUUGGGCUGUUCGCCCAUUAAAGCGGCACGCGAGCUG
GGUUCAGAACGUCGUGAGACAGUUCGGUCUCUAUCCGCUACGGGCGCAGGAGAAUUGAGGGGAGUUGCUCCUAGUACGAG
AGGACCGGAGUGAACGGACCGCUGGUCUCCCUGCUGUCGUACCAACGGCACAUGCAGGGUAGCUAUGUCCGGAACGGAUA
ACCGCUGAAAGCAUCUAAGCGGGAAGCCAGCCCCAAGAUGAGUUCUCCCACUGUUUAUCAGGUAAGACUCCCGGAAGACC
ACCGGGUUAAGAGGCCAGGCGUGCACGCAUAGCAAUGUGUUCAGCGGACUGGUGCUCAUCAGUCGAGGUCUUGACCACUC
;
A
2 'polypeptide(L)'
;MAQINVIGQNGGRTIELPLPEVNSGVLHEVVTWQLASRRRGTASTRTRAQVSKTGRKMYGQKGTGNARHGDRSVPTFVGG
GVAFGPKPRSYDYTLPRQVRQLGLAMAIASRQEGGKLVAVDGFDIADAKTKNFISWAKQNGLDGTEKVLLVTDDENTRRA
ARNVSWVSVLPVAGVNVYDILRHDRLVIDAAALEIVEEEAGEEQQ
;
K
3 'polypeptide(L)'
;MTAPEQTFRNKKQRKQQVKLRKPGFAVAKYVRMSPRKVRLVVDVIRGKSVQDAEDLLRFIPRSASEPVAKVLNSAKANAL
HNDEMLEDRLFVKEAYVDAGPTLKRLIPRARGSANIIKKRTSHITIIVAEKGNK
;
L
4 'polypeptide(L)' MAKHPVPKKKTSKSKRDMRRSHHALTAPNLTECPQCHGKKLSHHICPNCGYYDGRQVLAV M
#
# COMPACT_ATOMS: atom_id res chain seq x y z
CA ALA B 2 29.55 -40.72 25.45
CA GLN B 3 31.59 -39.37 22.52
CA ILE B 4 35.36 -38.87 22.15
CA ASN B 5 37.41 -35.66 22.08
CA VAL B 6 39.52 -34.83 19.01
CA ILE B 7 42.96 -33.23 19.21
CA GLY B 8 45.05 -33.38 22.38
CA GLN B 9 43.76 -36.15 24.66
CA ASN B 10 41.46 -38.94 23.43
CA GLY B 11 39.10 -39.99 26.22
CA GLY B 12 35.32 -40.03 26.00
CA ARG B 13 33.46 -40.93 29.22
CA THR B 14 32.39 -39.14 32.46
CA ILE B 15 29.10 -37.25 32.15
CA GLU B 16 26.32 -37.37 34.73
CA LEU B 17 24.58 -35.32 32.01
CA PRO B 18 20.86 -36.32 32.06
CA LEU B 19 20.05 -39.15 29.65
CA PRO B 20 16.26 -39.51 29.79
CA GLU B 21 14.52 -40.08 26.49
CA VAL B 22 14.86 -36.55 25.08
CA ASN B 23 11.67 -34.97 26.43
CA SER B 24 10.23 -31.93 24.67
CA GLY B 25 8.36 -29.86 27.24
CA VAL B 26 11.14 -29.82 29.83
CA LEU B 27 13.59 -28.81 27.10
CA HIS B 28 11.34 -26.25 25.40
CA GLU B 29 9.90 -24.83 28.63
CA VAL B 30 13.40 -23.40 29.07
CA VAL B 31 13.62 -22.22 25.47
CA THR B 32 10.28 -20.46 25.72
CA TRP B 33 11.63 -19.02 28.97
CA GLN B 34 14.98 -17.76 27.69
CA LEU B 35 13.19 -15.96 24.86
CA ALA B 36 10.38 -14.74 27.14
CA SER B 37 13.07 -13.46 29.49
CA ARG B 38 15.30 -12.14 26.69
CA ARG B 39 12.48 -9.79 25.77
CA ARG B 40 12.53 -6.12 26.72
CA GLY B 41 9.32 -4.36 27.69
CA THR B 42 9.55 -1.25 25.54
CA ALA B 43 6.52 0.21 23.76
CA SER B 44 4.97 3.65 23.25
CA THR B 45 1.22 2.92 23.09
CA ARG B 46 -0.87 5.80 24.39
CA THR B 47 -3.13 3.47 26.38
CA ARG B 48 -3.07 6.58 28.51
CA ALA B 49 -5.14 8.25 25.80
CA GLN B 50 -7.05 10.13 28.47
CA VAL B 51 -3.68 11.56 29.53
CA SER B 52 -2.27 12.64 26.17
CA LYS B 53 -2.32 16.46 26.01
CA THR B 54 -5.42 17.44 24.02
CA GLY B 55 -8.77 18.71 25.28
CA ARG B 56 -11.07 17.82 28.18
CA LYS B 57 -14.31 19.83 28.18
CA MET B 58 -15.97 19.59 24.75
CA TYR B 59 -18.91 21.56 23.32
CA GLY B 60 -22.50 21.17 24.50
CA GLN B 61 -24.01 18.19 26.30
CA LYS B 62 -27.78 17.58 26.43
CA GLY B 63 -29.25 18.99 23.22
CA THR B 64 -26.38 20.19 21.05
CA GLY B 65 -24.69 18.14 18.34
CA ASN B 66 -26.54 14.93 19.16
CA ALA B 67 -23.41 13.32 20.60
CA ARG B 68 -22.54 12.87 24.28
CA HIS B 69 -18.76 12.56 24.61
CA GLY B 70 -16.90 15.54 26.04
CA ASP B 71 -13.20 14.70 25.64
CA ARG B 72 -10.86 14.67 22.65
CA SER B 73 -9.03 11.73 24.22
CA VAL B 74 -11.70 9.07 23.79
CA PRO B 75 -10.35 5.81 22.30
CA THR B 76 -13.47 5.99 20.13
CA PHE B 77 -12.18 9.20 18.54
CA VAL B 78 -9.40 10.10 16.11
CA GLY B 79 -5.85 10.74 17.26
CA GLY B 80 -6.41 10.55 20.99
CA GLY B 81 -4.81 7.28 22.00
CA VAL B 82 -5.62 3.63 22.62
CA ALA B 83 -7.63 1.62 25.17
CA PHE B 84 -5.57 -1.45 26.09
CA GLY B 85 -2.07 -1.20 24.66
CA PRO B 86 1.39 -2.78 25.26
CA LYS B 87 2.02 -0.85 28.48
CA PRO B 88 5.69 -1.00 29.58
CA ARG B 89 6.27 -4.28 31.44
CA SER B 90 9.29 -6.26 32.61
CA TYR B 91 8.38 -9.94 32.04
CA ASP B 92 10.62 -12.32 34.01
CA TYR B 93 9.79 -16.02 34.41
CA THR B 94 12.50 -17.15 36.83
CA LEU B 95 12.30 -20.97 36.63
CA PRO B 96 13.80 -23.56 39.04
CA ARG B 97 17.50 -24.40 38.65
CA GLN B 98 16.62 -28.05 38.10
CA VAL B 99 14.41 -27.47 35.05
CA ARG B 100 17.19 -25.19 33.80
CA GLN B 101 20.14 -27.56 34.24
CA LEU B 102 17.97 -30.62 33.60
CA GLY B 103 16.93 -28.84 30.43
CA LEU B 104 20.27 -27.31 29.45
CA ALA B 105 21.44 -30.92 29.35
CA MET B 106 18.48 -32.21 27.33
CA ALA B 107 20.15 -30.42 24.42
CA ILE B 108 23.69 -31.75 24.91
CA ALA B 109 22.02 -35.14 25.26
CA SER B 110 19.97 -34.74 22.09
CA ARG B 111 23.21 -33.95 20.27
CA GLN B 112 24.97 -37.14 21.36
CA GLU B 113 22.97 -38.89 18.63
CA GLY B 114 23.13 -36.57 15.64
CA GLY B 115 26.79 -35.65 15.87
CA LYS B 116 28.87 -33.81 18.46
CA LEU B 117 32.52 -32.79 18.47
CA VAL B 118 34.91 -31.88 21.28
CA ALA B 119 38.35 -30.32 21.66
CA VAL B 120 40.46 -30.72 24.79
CA ASP B 121 43.56 -28.86 23.59
CA GLY B 122 42.53 -28.27 19.99
CA PHE B 123 45.92 -27.05 18.81
CA ASP B 124 45.56 -25.84 15.22
CA ILE B 125 45.85 -22.05 15.38
CA ALA B 126 48.05 -19.96 13.10
CA ASP B 127 47.87 -16.86 15.28
CA ALA B 128 44.23 -16.24 14.34
CA LYS B 129 43.59 -16.14 10.58
CA THR B 130 40.18 -17.80 10.18
CA LYS B 131 41.94 -20.19 7.77
CA ASN B 132 43.43 -23.00 9.88
CA PHE B 133 40.09 -22.85 11.68
CA ILE B 134 37.73 -23.40 8.75
CA SER B 135 40.07 -25.96 7.22
CA TRP B 136 40.05 -28.00 10.42
CA ALA B 137 36.34 -28.46 9.70
CA LYS B 138 37.13 -30.79 6.79
CA GLN B 139 39.06 -33.05 9.17
CA ASN B 140 35.83 -34.07 10.90
CA GLY B 141 32.45 -33.67 9.26
CA LEU B 142 31.77 -29.97 8.77
CA ASP B 143 31.14 -29.77 5.05
CA GLY B 144 28.81 -26.81 4.59
CA THR B 145 25.29 -27.58 5.76
CA GLU B 146 25.63 -27.35 9.53
CA LYS B 147 25.88 -24.41 11.96
CA VAL B 148 28.70 -25.17 14.40
CA LEU B 149 29.02 -24.00 18.00
CA LEU B 150 32.63 -24.36 19.11
CA VAL B 151 31.91 -22.58 22.40
CA THR B 152 35.62 -22.41 23.32
CA ASP B 153 37.22 -20.28 26.05
CA ASP B 154 40.78 -20.05 24.72
CA GLU B 155 41.28 -16.42 23.68
CA ASN B 156 42.94 -17.02 20.32
CA THR B 157 40.36 -19.73 19.51
CA ARG B 158 37.74 -16.99 19.77
CA ARG B 159 39.11 -14.25 17.51
CA ALA B 160 39.67 -16.45 14.45
CA ALA B 161 35.99 -17.38 14.29
CA ARG B 162 33.32 -15.18 12.72
CA ASN B 163 31.37 -17.15 10.11
CA VAL B 164 27.59 -16.65 10.02
CA SER B 165 26.65 -19.92 8.33
CA TRP B 166 29.40 -21.72 10.23
CA VAL B 167 30.91 -20.31 13.43
CA SER B 168 29.24 -18.74 16.50
CA VAL B 169 31.57 -19.69 19.34
CA LEU B 170 30.41 -18.42 22.73
CA PRO B 171 33.38 -17.92 25.14
CA VAL B 172 33.28 -17.81 28.93
CA ALA B 173 31.62 -21.24 29.33
CA GLY B 174 28.00 -20.34 28.67
CA VAL B 175 26.26 -23.11 26.73
CA ASN B 176 22.53 -23.13 27.45
CA VAL B 177 19.58 -24.72 25.64
CA TYR B 178 18.52 -22.00 23.18
CA ASP B 179 21.93 -21.05 21.78
CA ILE B 180 22.74 -24.75 21.41
CA LEU B 181 19.56 -25.38 19.39
CA ARG B 182 20.10 -22.04 17.64
CA HIS B 183 22.38 -24.02 15.34
CA ASP B 184 23.28 -27.62 14.53
CA ARG B 185 26.46 -29.50 15.48
CA LEU B 186 28.54 -28.73 18.56
CA VAL B 187 32.33 -28.63 18.98
CA ILE B 188 32.59 -27.89 22.70
CA ASP B 189 36.18 -27.38 23.82
CA ALA B 190 37.66 -29.20 26.83
CA ALA B 191 35.05 -30.43 29.29
CA ALA B 192 35.29 -27.60 31.82
CA LEU B 193 31.66 -28.15 32.79
CA GLU B 194 31.17 -31.68 31.41
CA ILE B 195 33.80 -34.01 32.88
CA VAL B 196 34.70 -31.58 35.67
CA GLU B 197 31.69 -32.11 37.94
CA GLU B 198 31.04 -31.82 41.68
CA GLU C 5 -2.42 -12.67 -33.26
CA GLN C 6 0.50 -10.73 -31.79
CA THR C 7 2.41 -13.09 -29.50
CA PHE C 8 4.54 -11.53 -26.76
CA ARG C 9 6.63 -12.46 -23.72
CA ASN C 10 6.30 -10.37 -20.57
CA LYS C 11 4.05 -7.53 -19.40
CA LYS C 12 7.15 -5.33 -19.62
CA GLN C 13 8.11 -6.24 -23.18
CA ARG C 14 4.76 -5.00 -24.48
CA LYS C 15 5.45 -1.65 -22.85
CA GLN C 16 8.47 -1.36 -25.14
CA GLN C 17 7.21 -2.10 -28.65
CA VAL C 18 3.93 -0.56 -27.50
CA LYS C 19 3.64 2.98 -26.16
CA LEU C 20 -0.08 2.58 -25.49
CA ARG C 21 -1.42 5.78 -27.04
CA LYS C 22 -5.09 5.92 -28.07
CA PRO C 23 -5.72 8.39 -30.98
CA GLY C 24 -8.82 10.47 -31.70
CA PHE C 25 -9.41 11.49 -28.10
CA ALA C 26 -9.27 14.68 -26.02
CA VAL C 27 -10.08 15.97 -22.52
CA ALA C 28 -10.72 19.26 -20.73
CA LYS C 29 -9.68 18.59 -17.14
CA TYR C 30 -10.32 21.11 -14.35
CA VAL C 31 -13.49 22.71 -15.73
CA ARG C 32 -15.18 24.61 -12.90
CA MET C 33 -18.59 23.56 -14.19
CA SER C 34 -20.86 20.99 -12.57
CA PRO C 35 -20.55 17.61 -14.35
CA ARG C 36 -24.36 17.44 -14.40
CA LYS C 37 -24.92 20.55 -16.48
CA VAL C 38 -21.98 19.96 -18.83
CA ARG C 39 -23.24 16.38 -19.12
CA LEU C 40 -26.32 17.75 -20.89
CA VAL C 41 -24.57 19.76 -23.61
CA VAL C 42 -22.40 16.71 -24.27
CA ASP C 43 -25.48 14.48 -24.43
CA VAL C 44 -26.57 16.01 -27.73
CA ILE C 45 -22.98 16.17 -28.97
CA ARG C 46 -22.40 12.43 -29.28
CA GLY C 47 -24.23 11.09 -32.32
CA LYS C 48 -23.19 11.65 -35.93
CA SER C 49 -20.77 13.89 -37.83
CA VAL C 50 -18.49 16.37 -36.04
CA GLN C 51 -19.75 19.18 -38.26
CA ASP C 52 -23.34 18.86 -37.03
CA ALA C 53 -21.70 18.88 -33.60
CA GLU C 54 -20.33 22.33 -34.42
CA ASP C 55 -23.55 23.96 -35.62
CA LEU C 56 -25.42 22.58 -32.60
CA LEU C 57 -23.04 24.29 -30.17
CA ARG C 58 -22.38 27.75 -31.61
CA PHE C 59 -25.74 28.63 -30.09
CA ILE C 60 -27.12 26.60 -27.15
CA PRO C 61 -27.95 29.14 -24.39
CA ARG C 62 -26.03 26.85 -22.03
CA SER C 63 -22.67 28.42 -21.15
CA ALA C 64 -21.20 24.92 -21.25
CA SER C 65 -21.72 24.79 -25.02
CA GLU C 66 -18.46 26.76 -25.31
CA PRO C 67 -15.85 25.04 -23.09
CA VAL C 68 -17.13 21.68 -24.33
CA ALA C 69 -16.94 22.90 -27.93
CA LYS C 70 -13.35 24.09 -27.54
CA VAL C 71 -12.55 20.43 -26.89
CA LEU C 72 -14.56 19.19 -29.86
CA ASN C 73 -12.36 21.05 -32.34
CA SER C 74 -9.41 19.83 -30.27
CA ALA C 75 -10.31 16.16 -30.77
CA LYS C 76 -11.19 16.94 -34.38
CA ALA C 77 -7.70 18.40 -34.78
CA ASN C 78 -5.78 15.42 -33.40
CA ALA C 79 -8.04 13.20 -35.52
CA LEU C 80 -6.84 14.80 -38.77
CA HIS C 81 -3.25 15.48 -37.69
CA ASN C 82 -1.91 12.94 -35.19
CA ASP C 83 -4.59 10.29 -35.68
CA GLU C 84 -4.41 10.93 -39.44
CA MET C 85 -8.06 10.79 -40.52
CA LEU C 86 -10.48 12.64 -42.79
CA GLU C 87 -12.91 15.24 -41.45
CA ASP C 88 -15.35 14.16 -44.17
CA ARG C 89 -15.94 11.05 -42.05
CA LEU C 90 -15.08 12.21 -38.54
CA PHE C 91 -18.02 12.17 -36.14
CA VAL C 92 -18.79 11.79 -32.43
CA LYS C 93 -18.47 8.19 -31.23
CA GLU C 94 -17.83 8.79 -27.53
CA ALA C 95 -18.68 11.81 -25.39
CA TYR C 96 -18.60 11.68 -21.60
CA VAL C 97 -17.73 13.96 -18.69
CA ASP C 98 -15.93 12.58 -15.65
CA ALA C 99 -15.97 14.67 -12.47
CA GLY C 100 -13.38 17.16 -11.26
CA PRO C 101 -12.37 17.77 -7.60
CA THR C 102 -14.27 20.03 -5.19
CA LEU C 103 -13.89 23.55 -3.80
CA LYS C 104 -14.47 25.02 -0.34
CA ARG C 105 -16.75 28.05 0.10
CA LEU C 106 -18.29 28.55 3.55
CA ILE C 107 -21.43 30.50 2.68
CA PRO C 108 -22.51 32.21 5.94
CA ARG C 109 -26.06 31.00 6.50
CA ALA C 110 -28.62 32.58 8.85
CA ARG C 111 -28.15 32.33 12.62
CA GLY C 112 -24.57 31.13 13.06
CA SER C 113 -25.15 27.92 11.08
CA ALA C 114 -22.11 27.65 8.82
CA ASN C 115 -22.18 25.85 5.48
CA ILE C 116 -20.19 24.58 2.49
CA ILE C 117 -20.63 25.00 -1.27
CA LYS C 118 -19.64 22.27 -3.71
CA LYS C 119 -18.08 24.04 -6.69
CA ARG C 120 -17.89 20.73 -8.56
CA THR C 121 -15.48 20.55 -11.48
CA SER C 122 -15.61 18.45 -14.66
CA HIS C 123 -13.39 16.51 -17.07
CA ILE C 124 -15.05 17.12 -20.44
CA THR C 125 -13.99 14.18 -22.61
CA ILE C 126 -14.98 13.35 -26.19
CA ILE C 127 -13.72 10.86 -28.78
CA VAL C 128 -13.97 11.52 -32.52
CA ALA C 129 -12.98 9.31 -35.45
CA GLU C 130 -13.90 7.93 -38.87
CA LYS C 131 -17.08 5.84 -38.93
CA GLY C 132 -19.70 4.19 -41.12
CA ASN C 133 -20.89 0.67 -41.87
CA LYS C 134 -17.50 0.23 -43.54
CA ALA D 2 -35.63 25.37 13.24
CA LYS D 3 -36.20 23.59 9.92
CA HIS D 4 -39.60 22.03 9.39
CA PRO D 5 -40.86 20.37 6.16
CA VAL D 6 -38.21 17.63 6.11
CA PRO D 7 -37.62 14.56 3.93
CA LYS D 8 -37.91 10.97 5.05
CA LYS D 9 -36.55 8.87 2.19
CA LYS D 10 -33.44 9.30 0.06
CA THR D 11 -34.02 7.67 -3.29
CA SER D 12 -30.65 7.39 -5.06
CA LYS D 13 -30.42 6.74 -8.81
CA SER D 14 -33.87 5.15 -8.85
CA LYS D 15 -36.15 8.18 -8.34
CA ARG D 16 -33.36 10.71 -8.88
CA ASP D 17 -32.88 9.59 -12.48
CA MET D 18 -36.64 9.47 -13.03
CA ARG D 19 -36.39 13.24 -12.59
CA ARG D 20 -33.47 13.61 -15.00
CA SER D 21 -35.39 12.04 -17.91
CA HIS D 22 -37.12 15.30 -18.67
CA HIS D 23 -33.98 17.41 -18.22
CA ALA D 24 -33.05 16.80 -21.87
CA LEU D 25 -31.67 19.57 -24.10
CA THR D 26 -33.83 20.24 -27.15
CA ALA D 27 -31.64 20.17 -30.27
CA PRO D 28 -31.82 23.72 -31.74
CA ASN D 29 -33.46 23.06 -35.13
CA LEU D 30 -31.13 24.90 -37.51
CA THR D 31 -31.41 25.78 -41.20
CA GLU D 32 -29.23 26.88 -44.13
CA CYS D 33 -28.64 30.58 -44.80
CA PRO D 34 -29.31 32.33 -48.14
CA GLN D 35 -26.16 33.22 -50.11
CA CYS D 36 -24.49 32.16 -46.90
CA HIS D 37 -24.00 28.66 -45.44
CA GLY D 38 -24.34 26.93 -42.08
CA LYS D 39 -25.34 28.28 -38.64
CA LYS D 40 -28.90 29.62 -38.75
CA LEU D 41 -31.21 29.57 -35.74
CA SER D 42 -34.45 30.01 -37.66
CA HIS D 43 -36.03 33.48 -37.42
CA HIS D 44 -32.81 35.11 -36.25
CA ILE D 45 -29.61 36.19 -37.98
CA CYS D 46 -26.83 34.29 -39.76
CA PRO D 47 -23.45 35.26 -38.19
CA ASN D 48 -21.18 34.77 -41.21
CA CYS D 49 -23.15 37.15 -43.38
CA GLY D 50 -26.27 38.47 -41.66
CA TYR D 51 -29.05 37.93 -44.17
CA TYR D 52 -32.83 37.79 -43.70
CA ASP D 53 -33.94 38.57 -47.25
CA GLY D 54 -31.00 40.88 -47.80
CA ARG D 55 -27.93 41.88 -45.82
CA GLN D 56 -28.54 43.53 -42.44
CA VAL D 57 -26.18 43.69 -39.44
CA LEU D 58 -22.41 43.99 -40.06
CA ALA D 59 -19.65 41.52 -39.17
#